data_7MIA
#
_entry.id   7MIA
#
_cell.length_a   43.197
_cell.length_b   73.255
_cell.length_c   54.336
_cell.angle_alpha   90.000
_cell.angle_beta   90.940
_cell.angle_gamma   90.000
#
_symmetry.space_group_name_H-M   'P 1 21 1'
#
loop_
_entity.id
_entity.type
_entity.pdbx_description
1 polymer 'RNA replication protein'
2 water water
#
_entity_poly.entity_id   1
_entity_poly.type   'polypeptide(L)'
_entity_poly.pdbx_seq_one_letter_code
;GPLGSPEPDTARLDADPSASGPVMEFRELQKGAYIEPTGAFLTRARNSVSSSIPYPARAACLLVAVSQATGLPTRTLWAA
LCANLPDSVLDDGSLATLGLTTDHFAVLARIFSLRCRFVSEHGDVELGLHDATSRFTIRHTPGHFELVADNFSL
;
_entity_poly.pdbx_strand_id   A,B
#
# COMPACT_ATOMS: atom_id res chain seq x y z
N ASP A 9 24.95 5.74 -9.83
CA ASP A 9 24.43 7.09 -10.07
C ASP A 9 23.02 7.23 -9.50
N THR A 10 22.89 8.00 -8.43
CA THR A 10 21.62 8.18 -7.74
C THR A 10 21.13 9.62 -7.82
N ALA A 11 21.50 10.34 -8.89
CA ALA A 11 21.18 11.75 -9.00
C ALA A 11 19.67 11.99 -8.89
N ARG A 12 18.88 11.32 -9.73
CA ARG A 12 17.44 11.53 -9.71
C ARG A 12 16.84 11.09 -8.37
N LEU A 13 17.37 10.02 -7.79
CA LEU A 13 16.84 9.49 -6.54
C LEU A 13 17.16 10.44 -5.37
N ASP A 14 18.37 11.01 -5.34
CA ASP A 14 18.68 11.96 -4.27
C ASP A 14 17.85 13.24 -4.39
N ALA A 15 17.47 13.63 -5.60
CA ALA A 15 16.70 14.84 -5.86
C ALA A 15 15.19 14.64 -5.80
N ASP A 16 14.73 13.40 -5.63
CA ASP A 16 13.31 13.06 -5.68
C ASP A 16 12.55 13.70 -4.52
N PRO A 17 11.60 14.61 -4.78
CA PRO A 17 10.85 15.20 -3.65
C PRO A 17 9.90 14.21 -2.96
N SER A 18 9.63 13.05 -3.56
CA SER A 18 8.75 12.04 -2.95
C SER A 18 9.51 11.01 -2.11
N ALA A 19 10.83 11.14 -1.99
CA ALA A 19 11.68 10.22 -1.24
C ALA A 19 12.17 10.84 0.07
N SER A 20 12.54 9.97 1.01
CA SER A 20 13.10 10.41 2.28
C SER A 20 14.12 9.39 2.76
N GLY A 21 14.97 9.80 3.70
CA GLY A 21 15.96 8.91 4.27
C GLY A 21 17.05 8.51 3.29
N PRO A 22 17.92 7.58 3.70
CA PRO A 22 19.08 7.25 2.87
C PRO A 22 18.72 6.30 1.73
N VAL A 23 19.60 6.28 0.74
CA VAL A 23 19.52 5.37 -0.37
C VAL A 23 19.96 3.99 0.10
N MET A 24 19.19 2.96 -0.26
CA MET A 24 19.59 1.58 0.04
C MET A 24 18.89 0.66 -0.95
N GLU A 25 19.28 -0.60 -0.95
CA GLU A 25 18.57 -1.58 -1.79
C GLU A 25 17.17 -1.82 -1.24
N PHE A 26 16.21 -2.08 -2.14
CA PHE A 26 14.84 -2.30 -1.68
C PHE A 26 14.77 -3.48 -0.71
N ARG A 27 15.54 -4.55 -0.98
CA ARG A 27 15.53 -5.70 -0.07
C ARG A 27 16.12 -5.37 1.30
N GLU A 28 16.82 -4.24 1.45
CA GLU A 28 17.22 -3.76 2.77
C GLU A 28 16.19 -2.82 3.38
N LEU A 29 15.50 -2.04 2.55
CA LEU A 29 14.46 -1.15 3.03
C LEU A 29 13.26 -1.91 3.56
N GLN A 30 12.82 -2.96 2.83
CA GLN A 30 11.68 -3.80 3.24
C GLN A 30 12.19 -5.24 3.31
N LYS A 31 12.75 -5.61 4.46
CA LYS A 31 13.41 -6.91 4.59
C LYS A 31 12.39 -8.05 4.43
N GLY A 32 12.86 -9.17 3.90
CA GLY A 32 12.01 -10.32 3.67
C GLY A 32 12.85 -11.48 3.16
N ALA A 33 12.20 -12.61 2.95
CA ALA A 33 12.92 -13.81 2.48
C ALA A 33 13.04 -13.83 0.95
N TYR A 34 13.78 -12.85 0.43
CA TYR A 34 13.87 -12.64 -1.01
C TYR A 34 14.67 -13.74 -1.70
N ILE A 35 14.24 -14.08 -2.92
CA ILE A 35 14.98 -14.99 -3.79
C ILE A 35 16.06 -14.18 -4.49
N GLU A 36 17.32 -14.41 -4.14
CA GLU A 36 18.42 -13.64 -4.74
C GLU A 36 18.29 -13.69 -6.26
N PRO A 37 18.43 -12.56 -6.97
CA PRO A 37 18.77 -11.19 -6.54
C PRO A 37 17.56 -10.23 -6.41
N THR A 38 16.38 -10.74 -6.08
CA THR A 38 15.17 -9.91 -6.00
C THR A 38 15.39 -8.74 -5.07
N GLY A 39 15.06 -7.55 -5.56
CA GLY A 39 15.10 -6.37 -4.71
C GLY A 39 16.47 -5.74 -4.56
N ALA A 40 17.43 -6.10 -5.41
CA ALA A 40 18.76 -5.55 -5.23
C ALA A 40 18.85 -4.07 -5.63
N PHE A 41 17.89 -3.58 -6.41
CA PHE A 41 17.98 -2.24 -6.98
C PHE A 41 17.93 -1.16 -5.88
N LEU A 42 18.58 -0.02 -6.15
CA LEU A 42 18.63 1.06 -5.17
C LEU A 42 17.33 1.85 -5.13
N THR A 43 16.93 2.30 -3.94
CA THR A 43 15.70 3.03 -3.76
C THR A 43 15.81 3.89 -2.50
N ARG A 44 14.74 4.62 -2.21
CA ARG A 44 14.60 5.33 -0.95
C ARG A 44 13.19 5.09 -0.45
N ALA A 45 13.01 5.27 0.86
CA ALA A 45 11.66 5.29 1.40
C ALA A 45 10.86 6.37 0.69
N ARG A 46 9.57 6.10 0.52
CA ARG A 46 8.63 7.10 0.03
C ARG A 46 8.12 7.90 1.21
N ASN A 47 8.12 9.22 1.10
CA ASN A 47 7.51 10.05 2.13
C ASN A 47 6.02 10.23 1.82
N SER A 48 5.42 11.31 2.34
CA SER A 48 3.98 11.51 2.29
C SER A 48 3.47 12.05 0.95
N VAL A 49 4.35 12.54 0.09
CA VAL A 49 3.93 13.12 -1.18
C VAL A 49 3.13 12.10 -1.97
N SER A 50 1.95 12.50 -2.44
CA SER A 50 1.10 11.61 -3.21
C SER A 50 1.58 11.57 -4.66
N SER A 51 1.69 10.37 -5.22
CA SER A 51 2.22 10.24 -6.57
C SER A 51 1.24 10.81 -7.58
N SER A 52 1.75 11.66 -8.45
CA SER A 52 0.97 12.06 -9.62
C SER A 52 1.00 11.01 -10.71
N ILE A 53 2.00 10.11 -10.68
CA ILE A 53 2.28 9.21 -11.81
C ILE A 53 1.05 8.38 -12.14
N PRO A 54 0.52 8.52 -13.35
CA PRO A 54 -0.70 7.79 -13.71
C PRO A 54 -0.43 6.31 -13.96
N TYR A 55 -1.49 5.53 -13.80
CA TYR A 55 -1.47 4.13 -14.18
C TYR A 55 -0.95 3.99 -15.61
N PRO A 56 0.00 3.09 -15.86
CA PRO A 56 0.59 2.98 -17.23
C PRO A 56 -0.35 2.22 -18.17
N ALA A 57 -1.39 2.92 -18.61
CA ALA A 57 -2.51 2.26 -19.29
C ALA A 57 -2.10 1.64 -20.61
N ARG A 58 -1.09 2.20 -21.29
CA ARG A 58 -0.63 1.66 -22.56
C ARG A 58 0.59 0.75 -22.43
N ALA A 59 1.03 0.44 -21.21
CA ALA A 59 2.19 -0.41 -21.01
C ALA A 59 2.04 -1.22 -19.73
N ALA A 60 0.89 -1.86 -19.56
CA ALA A 60 0.51 -2.47 -18.29
C ALA A 60 0.67 -3.99 -18.28
N CYS A 61 1.42 -4.56 -19.23
CA CYS A 61 1.41 -6.01 -19.41
C CYS A 61 1.85 -6.74 -18.14
N LEU A 62 2.81 -6.20 -17.39
CA LEU A 62 3.25 -6.93 -16.20
C LEU A 62 2.16 -6.92 -15.14
N LEU A 63 1.48 -5.79 -14.95
CA LEU A 63 0.34 -5.76 -14.04
C LEU A 63 -0.74 -6.74 -14.47
N VAL A 64 -1.04 -6.77 -15.77
CA VAL A 64 -2.07 -7.69 -16.27
C VAL A 64 -1.66 -9.13 -15.99
N ALA A 65 -0.40 -9.48 -16.26
CA ALA A 65 0.03 -10.85 -16.05
C ALA A 65 -0.11 -11.26 -14.58
N VAL A 66 0.35 -10.41 -13.66
CA VAL A 66 0.26 -10.72 -12.23
C VAL A 66 -1.19 -10.76 -11.79
N SER A 67 -2.01 -9.83 -12.30
CA SER A 67 -3.44 -9.83 -11.96
C SER A 67 -4.11 -11.12 -12.39
N GLN A 68 -3.87 -11.56 -13.63
CA GLN A 68 -4.47 -12.81 -14.09
C GLN A 68 -4.01 -14.00 -13.26
N ALA A 69 -2.76 -13.99 -12.79
CA ALA A 69 -2.23 -15.13 -12.07
C ALA A 69 -2.77 -15.22 -10.64
N THR A 70 -3.13 -14.10 -10.03
CA THR A 70 -3.42 -14.03 -8.60
C THR A 70 -4.83 -13.59 -8.27
N GLY A 71 -5.59 -13.05 -9.22
CA GLY A 71 -6.86 -12.43 -8.93
C GLY A 71 -6.75 -11.04 -8.30
N LEU A 72 -5.56 -10.50 -8.14
CA LEU A 72 -5.40 -9.16 -7.58
C LEU A 72 -5.77 -8.11 -8.64
N PRO A 73 -6.65 -7.16 -8.32
CA PRO A 73 -7.00 -6.13 -9.31
C PRO A 73 -5.77 -5.31 -9.70
N THR A 74 -5.70 -4.92 -10.98
CA THR A 74 -4.54 -4.16 -11.42
C THR A 74 -4.43 -2.84 -10.66
N ARG A 75 -5.57 -2.20 -10.37
CA ARG A 75 -5.49 -0.92 -9.64
C ARG A 75 -4.91 -1.13 -8.24
N THR A 76 -5.11 -2.31 -7.66
CA THR A 76 -4.55 -2.59 -6.34
C THR A 76 -3.04 -2.77 -6.43
N LEU A 77 -2.59 -3.53 -7.42
CA LEU A 77 -1.16 -3.64 -7.68
C LEU A 77 -0.54 -2.26 -7.85
N TRP A 78 -1.19 -1.41 -8.65
CA TRP A 78 -0.64 -0.09 -8.92
C TRP A 78 -0.64 0.76 -7.67
N ALA A 79 -1.72 0.72 -6.88
CA ALA A 79 -1.78 1.47 -5.63
C ALA A 79 -0.66 1.07 -4.68
N ALA A 80 -0.39 -0.23 -4.59
CA ALA A 80 0.68 -0.73 -3.72
C ALA A 80 2.03 -0.21 -4.18
N LEU A 81 2.26 -0.21 -5.49
CA LEU A 81 3.52 0.33 -6.01
C LEU A 81 3.66 1.81 -5.68
N CYS A 82 2.59 2.59 -5.91
CA CYS A 82 2.62 4.03 -5.67
C CYS A 82 2.88 4.37 -4.20
N ALA A 83 2.50 3.49 -3.27
CA ALA A 83 2.72 3.71 -1.85
C ALA A 83 4.10 3.27 -1.38
N ASN A 84 4.86 2.55 -2.20
CA ASN A 84 6.06 1.90 -1.70
C ASN A 84 7.33 2.24 -2.47
N LEU A 85 7.22 2.90 -3.62
CA LEU A 85 8.35 3.36 -4.41
C LEU A 85 8.26 4.88 -4.57
N PRO A 86 9.38 5.59 -4.53
CA PRO A 86 9.35 7.02 -4.86
C PRO A 86 9.22 7.19 -6.36
N ASP A 87 8.75 8.38 -6.77
CA ASP A 87 8.40 8.59 -8.17
C ASP A 87 9.55 8.30 -9.11
N SER A 88 10.78 8.61 -8.68
CA SER A 88 11.91 8.46 -9.59
C SER A 88 12.25 7.01 -9.85
N VAL A 89 11.83 6.10 -8.97
CA VAL A 89 12.00 4.66 -9.24
C VAL A 89 10.77 4.08 -9.92
N LEU A 90 9.58 4.58 -9.55
CA LEU A 90 8.34 4.20 -10.22
C LEU A 90 8.42 4.51 -11.72
N ASP A 91 8.87 5.71 -12.07
CA ASP A 91 8.98 6.14 -13.46
C ASP A 91 10.38 6.71 -13.66
N ASP A 92 11.27 5.92 -14.25
CA ASP A 92 12.58 6.41 -14.64
C ASP A 92 12.55 7.18 -15.95
N GLY A 93 11.36 7.46 -16.48
CA GLY A 93 11.18 8.13 -17.75
C GLY A 93 10.53 7.27 -18.81
N SER A 94 10.60 5.95 -18.67
CA SER A 94 10.15 5.02 -19.69
C SER A 94 8.90 4.24 -19.30
N LEU A 95 8.33 4.52 -18.13
CA LEU A 95 7.20 3.73 -17.64
C LEU A 95 6.01 3.77 -18.61
N ALA A 96 5.69 4.95 -19.15
CA ALA A 96 4.47 5.08 -19.94
C ALA A 96 4.56 4.32 -21.27
N THR A 97 5.77 4.09 -21.77
CA THR A 97 5.97 3.38 -23.03
C THR A 97 6.51 1.98 -22.86
N LEU A 98 7.47 1.76 -21.94
CA LEU A 98 8.00 0.42 -21.74
C LEU A 98 7.36 -0.31 -20.58
N GLY A 99 6.66 0.38 -19.70
CA GLY A 99 5.96 -0.30 -18.64
C GLY A 99 6.86 -0.69 -17.48
N LEU A 100 6.34 -1.61 -16.67
CA LEU A 100 7.01 -2.02 -15.44
C LEU A 100 8.19 -2.94 -15.74
N THR A 101 9.09 -3.06 -14.76
CA THR A 101 10.26 -3.92 -14.82
C THR A 101 10.22 -4.91 -13.66
N THR A 102 11.18 -5.85 -13.68
CA THR A 102 11.30 -6.77 -12.57
C THR A 102 11.70 -6.09 -11.28
N ASP A 103 12.18 -4.85 -11.32
CA ASP A 103 12.32 -4.07 -10.10
C ASP A 103 10.96 -3.82 -9.47
N HIS A 104 10.01 -3.29 -10.26
CA HIS A 104 8.64 -3.16 -9.79
C HIS A 104 8.09 -4.50 -9.31
N PHE A 105 8.39 -5.58 -10.02
CA PHE A 105 7.87 -6.88 -9.57
C PHE A 105 8.35 -7.21 -8.16
N ALA A 106 9.60 -6.86 -7.84
CA ALA A 106 10.13 -7.12 -6.50
C ALA A 106 9.23 -6.53 -5.44
N VAL A 107 8.77 -5.29 -5.65
CA VAL A 107 7.86 -4.65 -4.69
C VAL A 107 6.54 -5.41 -4.59
N LEU A 108 5.93 -5.75 -5.73
CA LEU A 108 4.68 -6.51 -5.70
C LEU A 108 4.86 -7.85 -5.00
N ALA A 109 6.01 -8.50 -5.22
CA ALA A 109 6.27 -9.79 -4.58
C ALA A 109 6.36 -9.65 -3.08
N ARG A 110 6.99 -8.58 -2.60
CA ARG A 110 7.13 -8.40 -1.16
C ARG A 110 5.77 -8.15 -0.49
N ILE A 111 4.95 -7.30 -1.10
CA ILE A 111 3.70 -6.90 -0.50
C ILE A 111 2.67 -8.01 -0.58
N PHE A 112 2.56 -8.67 -1.74
CA PHE A 112 1.50 -9.61 -1.99
C PHE A 112 1.94 -11.07 -1.85
N SER A 113 3.20 -11.33 -1.47
CA SER A 113 3.73 -12.67 -1.22
C SER A 113 3.71 -13.53 -2.50
N LEU A 114 4.58 -13.14 -3.44
CA LEU A 114 4.61 -13.70 -4.78
C LEU A 114 5.99 -14.24 -5.13
N ARG A 115 6.00 -15.24 -6.01
CA ARG A 115 7.22 -15.68 -6.67
C ARG A 115 6.88 -16.10 -8.10
N CYS A 116 7.74 -15.72 -9.03
CA CYS A 116 7.45 -15.92 -10.44
C CYS A 116 8.73 -16.36 -11.15
N ARG A 117 8.61 -17.43 -11.93
CA ARG A 117 9.70 -17.86 -12.81
C ARG A 117 9.55 -17.11 -14.14
N PHE A 118 10.45 -16.15 -14.38
CA PHE A 118 10.46 -15.40 -15.62
C PHE A 118 11.27 -16.15 -16.66
N VAL A 119 10.63 -16.47 -17.78
CA VAL A 119 11.23 -17.26 -18.83
C VAL A 119 11.67 -16.31 -19.95
N SER A 120 12.96 -16.27 -20.25
CA SER A 120 13.42 -15.41 -21.33
C SER A 120 14.43 -16.14 -22.20
N GLU A 121 14.78 -15.52 -23.33
CA GLU A 121 15.63 -16.15 -24.34
C GLU A 121 16.90 -16.72 -23.73
N HIS A 122 17.55 -15.95 -22.87
CA HIS A 122 18.87 -16.32 -22.36
C HIS A 122 18.83 -17.21 -21.13
N GLY A 123 17.66 -17.45 -20.54
CA GLY A 123 17.55 -18.29 -19.37
C GLY A 123 16.43 -17.83 -18.45
N ASP A 124 16.02 -18.73 -17.55
CA ASP A 124 14.99 -18.42 -16.57
C ASP A 124 15.58 -17.70 -15.41
N VAL A 125 14.79 -16.84 -14.78
CA VAL A 125 15.16 -16.20 -13.52
C VAL A 125 13.94 -16.19 -12.61
N GLU A 126 14.02 -16.85 -11.47
CA GLU A 126 12.92 -16.79 -10.52
C GLU A 126 13.12 -15.63 -9.56
N LEU A 127 12.09 -14.81 -9.40
CA LEU A 127 12.15 -13.65 -8.54
C LEU A 127 10.98 -13.67 -7.57
N GLY A 128 11.18 -13.03 -6.43
CA GLY A 128 10.12 -12.91 -5.45
C GLY A 128 10.60 -13.38 -4.10
N LEU A 129 9.74 -14.08 -3.34
CA LEU A 129 10.04 -14.45 -1.97
C LEU A 129 10.03 -15.98 -1.78
N HIS A 130 10.95 -16.47 -0.96
CA HIS A 130 11.05 -17.91 -0.73
C HIS A 130 9.83 -18.47 -0.03
N ASP A 131 9.06 -17.62 0.66
CA ASP A 131 7.87 -18.04 1.38
C ASP A 131 6.59 -17.52 0.73
N ALA A 132 6.61 -17.28 -0.57
CA ALA A 132 5.45 -16.75 -1.26
C ALA A 132 4.29 -17.73 -1.23
N THR A 133 3.07 -17.23 -1.06
CA THR A 133 1.90 -18.09 -1.13
C THR A 133 1.29 -18.18 -2.53
N SER A 134 1.76 -17.39 -3.49
CA SER A 134 1.34 -17.50 -4.88
C SER A 134 2.60 -17.68 -5.72
N ARG A 135 2.55 -18.64 -6.64
CA ARG A 135 3.66 -18.91 -7.54
C ARG A 135 3.12 -19.05 -8.94
N PHE A 136 3.84 -18.51 -9.92
CA PHE A 136 3.38 -18.57 -11.30
C PHE A 136 4.59 -18.34 -12.21
N THR A 137 4.32 -18.32 -13.53
CA THR A 137 5.37 -18.30 -14.55
C THR A 137 4.97 -17.33 -15.64
N ILE A 138 5.91 -16.47 -16.01
CA ILE A 138 5.66 -15.41 -16.97
C ILE A 138 6.78 -15.45 -18.01
N ARG A 139 6.40 -15.40 -19.28
CA ARG A 139 7.36 -15.32 -20.36
C ARG A 139 7.70 -13.86 -20.63
N HIS A 140 8.98 -13.55 -20.57
CA HIS A 140 9.46 -12.20 -20.88
C HIS A 140 10.13 -12.23 -22.23
N THR A 141 9.61 -11.45 -23.15
CA THR A 141 10.25 -11.26 -24.44
C THR A 141 10.80 -9.84 -24.49
N PRO A 142 12.09 -9.63 -24.70
CA PRO A 142 12.62 -8.26 -24.69
C PRO A 142 12.27 -7.53 -25.97
N GLY A 143 12.41 -6.21 -25.94
CA GLY A 143 12.28 -5.44 -27.16
C GLY A 143 13.20 -5.98 -28.24
N HIS A 144 12.79 -5.91 -29.51
CA HIS A 144 13.69 -6.40 -30.53
C HIS A 144 13.25 -5.93 -31.92
N PHE A 145 14.20 -5.96 -32.84
CA PHE A 145 13.98 -5.60 -34.23
C PHE A 145 13.92 -6.86 -35.07
N GLU A 146 13.03 -6.86 -36.06
CA GLU A 146 12.91 -7.93 -37.02
C GLU A 146 12.77 -7.32 -38.40
N LEU A 147 13.58 -7.81 -39.35
CA LEU A 147 13.43 -7.44 -40.75
C LEU A 147 12.08 -7.91 -41.29
N VAL A 148 11.36 -7.03 -41.97
CA VAL A 148 10.07 -7.36 -42.55
C VAL A 148 10.05 -6.92 -44.01
N ALA A 149 8.97 -7.28 -44.71
CA ALA A 149 8.81 -6.93 -46.11
C ALA A 149 8.81 -5.42 -46.29
N ASP A 150 9.24 -4.98 -47.48
CA ASP A 150 9.45 -3.55 -47.74
C ASP A 150 8.21 -2.71 -47.44
N ASN A 151 7.03 -3.20 -47.83
CA ASN A 151 5.76 -2.49 -47.65
C ASN A 151 4.98 -3.02 -46.45
N PHE A 152 5.68 -3.58 -45.47
CA PHE A 152 5.00 -4.07 -44.29
C PHE A 152 4.23 -2.96 -43.60
N SER A 153 3.07 -3.31 -43.08
CA SER A 153 2.22 -2.39 -42.36
C SER A 153 1.48 -3.19 -41.30
N LEU A 154 1.39 -2.62 -40.10
CA LEU A 154 0.65 -3.20 -38.99
C LEU A 154 -0.84 -3.21 -39.31
N PRO B 8 -9.51 21.86 22.69
CA PRO B 8 -8.66 20.87 22.03
C PRO B 8 -7.61 20.28 22.98
N ASP B 9 -7.88 19.09 23.52
CA ASP B 9 -6.99 18.43 24.46
C ASP B 9 -5.95 17.63 23.68
N THR B 10 -4.76 18.21 23.52
CA THR B 10 -3.68 17.59 22.78
C THR B 10 -2.53 17.16 23.70
N ALA B 11 -2.85 16.73 24.92
CA ALA B 11 -1.81 16.42 25.89
C ALA B 11 -1.13 15.10 25.58
N ARG B 12 -1.90 14.05 25.27
CA ARG B 12 -1.30 12.78 24.90
C ARG B 12 -0.45 12.93 23.64
N LEU B 13 -0.93 13.69 22.66
CA LEU B 13 -0.19 13.90 21.41
C LEU B 13 1.13 14.62 21.67
N ASP B 14 1.08 15.70 22.47
CA ASP B 14 2.29 16.47 22.72
C ASP B 14 3.33 15.66 23.49
N ALA B 15 2.88 14.77 24.36
CA ALA B 15 3.79 13.95 25.15
C ALA B 15 4.27 12.70 24.43
N ASP B 16 3.75 12.43 23.23
CA ASP B 16 3.99 11.18 22.53
C ASP B 16 5.42 11.11 22.01
N PRO B 17 6.26 10.19 22.50
CA PRO B 17 7.66 10.15 22.04
C PRO B 17 7.81 9.63 20.63
N SER B 18 6.77 9.06 20.03
CA SER B 18 6.85 8.58 18.65
C SER B 18 6.48 9.66 17.63
N ALA B 19 6.20 10.88 18.08
CA ALA B 19 5.71 11.97 17.24
C ALA B 19 6.76 13.06 17.07
N SER B 20 6.64 13.81 15.98
CA SER B 20 7.54 14.92 15.67
C SER B 20 6.75 16.09 15.10
N GLY B 21 7.28 17.29 15.28
CA GLY B 21 6.72 18.47 14.67
C GLY B 21 5.38 18.86 15.26
N PRO B 22 4.74 19.85 14.65
CA PRO B 22 3.55 20.44 15.27
C PRO B 22 2.33 19.56 15.12
N VAL B 23 1.32 19.84 15.96
CA VAL B 23 0.04 19.14 15.88
C VAL B 23 -0.78 19.76 14.75
N MET B 24 -1.48 18.92 13.99
CA MET B 24 -2.32 19.39 12.91
C MET B 24 -3.31 18.28 12.54
N GLU B 25 -4.30 18.64 11.72
CA GLU B 25 -5.24 17.65 11.24
C GLU B 25 -4.54 16.70 10.26
N PHE B 26 -4.96 15.43 10.24
CA PHE B 26 -4.31 14.52 9.32
C PHE B 26 -4.43 15.00 7.88
N ARG B 27 -5.56 15.64 7.53
CA ARG B 27 -5.72 16.15 6.17
C ARG B 27 -4.83 17.35 5.87
N GLU B 28 -4.25 17.97 6.89
CA GLU B 28 -3.25 19.01 6.66
C GLU B 28 -1.84 18.41 6.62
N LEU B 29 -1.60 17.37 7.41
CA LEU B 29 -0.30 16.71 7.37
C LEU B 29 -0.07 16.01 6.04
N GLN B 30 -1.06 15.29 5.52
CA GLN B 30 -0.92 14.58 4.24
C GLN B 30 -2.07 15.05 3.35
N LYS B 31 -1.81 16.09 2.57
CA LYS B 31 -2.88 16.75 1.86
C LYS B 31 -3.38 15.88 0.69
N GLY B 32 -4.65 16.03 0.38
CA GLY B 32 -5.23 15.33 -0.76
C GLY B 32 -6.66 15.77 -0.93
N ALA B 33 -7.34 15.13 -1.89
CA ALA B 33 -8.73 15.48 -2.19
C ALA B 33 -9.68 14.68 -1.29
N TYR B 34 -9.59 14.94 0.01
CA TYR B 34 -10.39 14.20 0.98
C TYR B 34 -11.88 14.54 0.83
N ILE B 35 -12.72 13.54 1.09
CA ILE B 35 -14.16 13.72 1.24
C ILE B 35 -14.41 14.22 2.66
N GLU B 36 -14.90 15.45 2.79
CA GLU B 36 -15.17 15.99 4.12
C GLU B 36 -16.07 15.02 4.92
N PRO B 37 -15.76 14.76 6.20
CA PRO B 37 -14.66 15.35 6.95
C PRO B 37 -13.52 14.35 7.17
N THR B 38 -13.26 13.52 6.16
CA THR B 38 -12.18 12.54 6.27
C THR B 38 -10.88 13.21 6.69
N GLY B 39 -10.23 12.64 7.71
CA GLY B 39 -8.94 13.15 8.11
C GLY B 39 -8.96 14.42 8.92
N ALA B 40 -10.09 14.76 9.52
CA ALA B 40 -10.13 15.95 10.36
C ALA B 40 -9.45 15.75 11.73
N PHE B 41 -9.16 14.51 12.12
CA PHE B 41 -8.64 14.27 13.46
C PHE B 41 -7.23 14.84 13.62
N LEU B 42 -6.89 15.21 14.85
CA LEU B 42 -5.59 15.81 15.12
C LEU B 42 -4.52 14.74 15.25
N THR B 43 -3.32 15.05 14.76
CA THR B 43 -2.23 14.08 14.76
C THR B 43 -0.90 14.83 14.73
N ARG B 44 0.19 14.07 14.72
CA ARG B 44 1.51 14.59 14.45
C ARG B 44 2.18 13.61 13.50
N ALA B 45 3.16 14.11 12.76
CA ALA B 45 4.03 13.22 12.00
C ALA B 45 4.71 12.24 12.94
N ARG B 46 4.95 11.03 12.43
CA ARG B 46 5.76 10.03 13.11
C ARG B 46 7.24 10.38 13.04
N ASN B 47 8.02 9.83 13.98
CA ASN B 47 9.44 10.20 14.08
C ASN B 47 10.37 9.25 13.34
N SER B 48 9.90 8.62 12.24
CA SER B 48 10.66 7.57 11.56
C SER B 48 10.87 6.39 12.50
N VAL B 49 11.18 5.21 11.95
CA VAL B 49 11.06 3.96 12.68
C VAL B 49 9.58 3.77 13.04
N SER B 50 8.90 2.90 12.30
CA SER B 50 7.48 2.68 12.48
C SER B 50 7.18 2.13 13.87
N SER B 51 5.90 2.03 14.16
CA SER B 51 5.43 1.62 15.47
C SER B 51 5.72 0.13 15.71
N SER B 52 5.93 -0.20 16.97
CA SER B 52 6.08 -1.59 17.39
C SER B 52 4.79 -2.16 17.95
N ILE B 53 3.70 -1.41 17.90
CA ILE B 53 2.39 -1.90 18.38
C ILE B 53 2.04 -3.17 17.62
N PRO B 54 1.62 -4.24 18.29
CA PRO B 54 1.38 -5.49 17.58
C PRO B 54 0.12 -5.40 16.71
N TYR B 55 0.15 -6.16 15.62
CA TYR B 55 -1.03 -6.30 14.80
C TYR B 55 -2.23 -6.65 15.67
N PRO B 56 -3.34 -5.94 15.57
CA PRO B 56 -4.46 -6.19 16.49
C PRO B 56 -5.22 -7.47 16.15
N ALA B 57 -4.53 -8.61 16.24
CA ALA B 57 -5.01 -9.87 15.67
C ALA B 57 -6.38 -10.32 16.19
N ARG B 58 -6.88 -9.75 17.28
CA ARG B 58 -8.19 -10.12 17.76
C ARG B 58 -9.19 -8.97 17.66
N ALA B 59 -8.90 -7.96 16.84
CA ALA B 59 -9.85 -6.88 16.63
C ALA B 59 -9.57 -6.19 15.30
N ALA B 60 -9.31 -6.98 14.25
CA ALA B 60 -8.80 -6.47 12.99
C ALA B 60 -9.87 -6.40 11.90
N CYS B 61 -11.15 -6.34 12.29
CA CYS B 61 -12.23 -6.48 11.32
C CYS B 61 -12.20 -5.39 10.25
N LEU B 62 -11.86 -4.15 10.63
CA LEU B 62 -11.73 -3.10 9.62
C LEU B 62 -10.67 -3.46 8.59
N LEU B 63 -9.52 -3.96 9.06
CA LEU B 63 -8.46 -4.38 8.15
C LEU B 63 -8.92 -5.53 7.26
N VAL B 64 -9.59 -6.52 7.85
CA VAL B 64 -10.13 -7.62 7.06
C VAL B 64 -11.05 -7.10 5.96
N ALA B 65 -11.97 -6.20 6.31
CA ALA B 65 -12.95 -5.73 5.33
C ALA B 65 -12.28 -4.99 4.17
N VAL B 66 -11.36 -4.07 4.48
CA VAL B 66 -10.64 -3.35 3.42
C VAL B 66 -9.79 -4.32 2.58
N SER B 67 -9.14 -5.28 3.23
CA SER B 67 -8.38 -6.30 2.51
C SER B 67 -9.28 -7.08 1.56
N GLN B 68 -10.43 -7.53 2.06
CA GLN B 68 -11.35 -8.28 1.21
C GLN B 68 -11.82 -7.44 0.03
N ALA B 69 -11.98 -6.14 0.24
CA ALA B 69 -12.49 -5.27 -0.81
C ALA B 69 -11.44 -5.00 -1.88
N THR B 70 -10.17 -5.03 -1.52
CA THR B 70 -9.12 -4.56 -2.42
C THR B 70 -8.10 -5.63 -2.81
N GLY B 71 -7.88 -6.64 -1.97
CA GLY B 71 -6.74 -7.51 -2.14
C GLY B 71 -5.46 -7.03 -1.46
N LEU B 72 -5.47 -5.84 -0.87
CA LEU B 72 -4.34 -5.40 -0.05
C LEU B 72 -4.26 -6.28 1.19
N PRO B 73 -3.13 -6.92 1.48
CA PRO B 73 -3.07 -7.78 2.66
C PRO B 73 -3.22 -6.98 3.94
N THR B 74 -3.84 -7.60 4.95
CA THR B 74 -4.04 -6.92 6.23
C THR B 74 -2.72 -6.48 6.85
N ARG B 75 -1.64 -7.25 6.65
CA ARG B 75 -0.34 -6.85 7.20
C ARG B 75 0.21 -5.61 6.53
N THR B 76 -0.10 -5.41 5.24
CA THR B 76 0.35 -4.21 4.57
C THR B 76 -0.46 -3.00 5.01
N LEU B 77 -1.77 -3.18 5.21
CA LEU B 77 -2.57 -2.11 5.80
C LEU B 77 -2.07 -1.74 7.18
N TRP B 78 -1.75 -2.74 8.00
CA TRP B 78 -1.25 -2.42 9.34
C TRP B 78 0.10 -1.71 9.26
N ALA B 79 0.98 -2.16 8.36
CA ALA B 79 2.28 -1.52 8.20
C ALA B 79 2.14 -0.08 7.78
N ALA B 80 1.23 0.20 6.84
CA ALA B 80 0.95 1.59 6.48
C ALA B 80 0.55 2.41 7.70
N LEU B 81 -0.30 1.85 8.58
CA LEU B 81 -0.73 2.60 9.74
C LEU B 81 0.42 2.84 10.72
N CYS B 82 1.21 1.80 10.96
CA CYS B 82 2.36 1.92 11.87
C CYS B 82 3.39 2.92 11.37
N ALA B 83 3.48 3.11 10.05
CA ALA B 83 4.45 4.04 9.51
C ALA B 83 3.97 5.47 9.47
N ASN B 84 2.67 5.74 9.62
CA ASN B 84 2.13 7.05 9.35
C ASN B 84 1.38 7.71 10.50
N LEU B 85 1.09 6.97 11.57
CA LEU B 85 0.44 7.55 12.73
C LEU B 85 1.32 7.38 13.96
N PRO B 86 1.38 8.36 14.85
CA PRO B 86 2.12 8.16 16.10
C PRO B 86 1.37 7.18 17.00
N ASP B 87 2.12 6.58 17.93
CA ASP B 87 1.57 5.48 18.74
C ASP B 87 0.31 5.90 19.50
N SER B 88 0.24 7.15 19.95
CA SER B 88 -0.92 7.55 20.73
C SER B 88 -2.18 7.65 19.89
N VAL B 89 -2.07 7.84 18.58
CA VAL B 89 -3.24 7.85 17.70
C VAL B 89 -3.58 6.45 17.20
N LEU B 90 -2.54 5.64 16.97
CA LEU B 90 -2.71 4.25 16.61
C LEU B 90 -3.45 3.46 17.68
N ASP B 91 -3.01 3.61 18.93
CA ASP B 91 -3.55 2.84 20.05
C ASP B 91 -3.84 3.83 21.16
N ASP B 92 -5.09 4.27 21.26
CA ASP B 92 -5.49 5.09 22.40
C ASP B 92 -5.83 4.27 23.64
N GLY B 93 -5.48 2.99 23.64
CA GLY B 93 -5.81 2.11 24.76
C GLY B 93 -6.75 1.00 24.35
N SER B 94 -7.67 1.28 23.44
CA SER B 94 -8.73 0.34 23.09
C SER B 94 -8.40 -0.54 21.91
N LEU B 95 -7.24 -0.34 21.28
CA LEU B 95 -6.97 -0.96 19.99
C LEU B 95 -7.09 -2.49 20.07
N ALA B 96 -6.44 -3.10 21.07
CA ALA B 96 -6.32 -4.56 21.09
C ALA B 96 -7.66 -5.27 21.29
N THR B 97 -8.70 -4.57 21.73
CA THR B 97 -9.97 -5.20 22.00
C THR B 97 -11.09 -4.69 21.10
N LEU B 98 -11.21 -3.38 20.92
CA LEU B 98 -12.27 -2.80 20.10
C LEU B 98 -11.89 -2.77 18.62
N GLY B 99 -10.66 -2.35 18.32
CA GLY B 99 -10.14 -2.34 16.98
C GLY B 99 -9.96 -0.93 16.44
N LEU B 100 -9.80 -0.86 15.12
CA LEU B 100 -9.55 0.40 14.44
C LEU B 100 -10.84 1.21 14.34
N THR B 101 -10.70 2.48 13.98
CA THR B 101 -11.82 3.39 13.78
C THR B 101 -11.78 3.93 12.35
N THR B 102 -12.80 4.71 12.00
CA THR B 102 -12.77 5.37 10.70
C THR B 102 -11.70 6.45 10.60
N ASP B 103 -11.10 6.85 11.74
CA ASP B 103 -9.93 7.71 11.65
C ASP B 103 -8.75 6.95 11.08
N HIS B 104 -8.58 5.68 11.49
CA HIS B 104 -7.55 4.86 10.89
C HIS B 104 -7.84 4.65 9.41
N PHE B 105 -9.11 4.50 9.04
CA PHE B 105 -9.43 4.31 7.62
C PHE B 105 -9.03 5.51 6.77
N ALA B 106 -9.11 6.73 7.30
CA ALA B 106 -8.70 7.91 6.56
C ALA B 106 -7.25 7.80 6.11
N VAL B 107 -6.37 7.33 6.99
CA VAL B 107 -4.97 7.13 6.65
C VAL B 107 -4.83 6.08 5.55
N LEU B 108 -5.49 4.94 5.71
CA LEU B 108 -5.44 3.91 4.68
C LEU B 108 -5.97 4.45 3.35
N ALA B 109 -7.03 5.27 3.39
CA ALA B 109 -7.62 5.80 2.17
C ALA B 109 -6.65 6.73 1.45
N ARG B 110 -5.94 7.57 2.20
CA ARG B 110 -4.95 8.46 1.58
C ARG B 110 -3.80 7.66 0.97
N ILE B 111 -3.32 6.64 1.69
CA ILE B 111 -2.13 5.91 1.25
C ILE B 111 -2.44 5.05 0.03
N PHE B 112 -3.60 4.40 0.00
CA PHE B 112 -3.91 3.45 -1.06
C PHE B 112 -5.01 3.90 -2.01
N SER B 113 -5.46 5.17 -1.91
CA SER B 113 -6.44 5.75 -2.82
C SER B 113 -7.80 5.03 -2.73
N LEU B 114 -8.43 5.18 -1.56
CA LEU B 114 -9.67 4.45 -1.27
C LEU B 114 -10.79 5.42 -0.92
N ARG B 115 -12.02 4.95 -1.14
CA ARG B 115 -13.19 5.60 -0.56
C ARG B 115 -14.20 4.54 -0.20
N CYS B 116 -14.86 4.75 0.95
CA CYS B 116 -15.79 3.76 1.45
C CYS B 116 -17.04 4.43 1.99
N ARG B 117 -18.21 3.86 1.63
CA ARG B 117 -19.49 4.22 2.22
C ARG B 117 -19.71 3.36 3.45
N PHE B 118 -19.69 3.98 4.62
CA PHE B 118 -19.91 3.25 5.87
C PHE B 118 -21.39 3.31 6.21
N VAL B 119 -21.99 2.13 6.37
CA VAL B 119 -23.42 1.96 6.59
C VAL B 119 -23.66 1.51 8.01
N SER B 120 -24.45 2.28 8.76
CA SER B 120 -24.83 1.90 10.12
C SER B 120 -26.31 2.22 10.32
N GLU B 121 -26.83 1.80 11.48
CA GLU B 121 -28.21 2.10 11.83
C GLU B 121 -28.45 3.59 12.01
N HIS B 122 -27.40 4.36 12.33
CA HIS B 122 -27.55 5.82 12.41
C HIS B 122 -27.70 6.45 11.04
N GLY B 123 -27.04 5.93 10.02
CA GLY B 123 -27.05 6.54 8.71
C GLY B 123 -25.84 6.08 7.89
N ASP B 124 -25.56 6.84 6.83
CA ASP B 124 -24.49 6.55 5.87
C ASP B 124 -23.48 7.69 5.87
N VAL B 125 -22.20 7.34 5.84
CA VAL B 125 -21.16 8.34 5.67
C VAL B 125 -20.12 7.79 4.70
N GLU B 126 -19.76 8.59 3.71
CA GLU B 126 -18.67 8.23 2.81
C GLU B 126 -17.40 8.94 3.24
N LEU B 127 -16.34 8.17 3.41
CA LEU B 127 -15.05 8.69 3.83
C LEU B 127 -13.99 8.22 2.84
N GLY B 128 -12.91 8.99 2.75
CA GLY B 128 -11.82 8.64 1.86
C GLY B 128 -11.47 9.80 0.95
N LEU B 129 -11.09 9.49 -0.28
CA LEU B 129 -10.65 10.49 -1.25
C LEU B 129 -11.63 10.57 -2.42
N HIS B 130 -11.88 11.80 -2.88
CA HIS B 130 -12.74 12.02 -4.03
C HIS B 130 -12.17 11.38 -5.30
N ASP B 131 -10.85 11.24 -5.38
CA ASP B 131 -10.20 10.66 -6.55
C ASP B 131 -9.71 9.24 -6.29
N ALA B 132 -10.35 8.54 -5.35
CA ALA B 132 -9.95 7.17 -5.05
C ALA B 132 -10.13 6.28 -6.28
N THR B 133 -9.21 5.32 -6.47
CA THR B 133 -9.38 4.34 -7.52
C THR B 133 -10.10 3.08 -7.05
N SER B 134 -10.18 2.84 -5.75
CA SER B 134 -10.97 1.74 -5.21
C SER B 134 -12.11 2.30 -4.36
N ARG B 135 -13.33 1.86 -4.66
CA ARG B 135 -14.52 2.26 -3.93
C ARG B 135 -15.25 1.02 -3.46
N PHE B 136 -15.76 1.06 -2.23
CA PHE B 136 -16.45 -0.10 -1.69
C PHE B 136 -17.36 0.37 -0.54
N THR B 137 -18.03 -0.58 0.08
CA THR B 137 -19.07 -0.33 1.07
C THR B 137 -18.87 -1.26 2.26
N ILE B 138 -18.91 -0.70 3.46
CA ILE B 138 -18.70 -1.48 4.68
C ILE B 138 -19.80 -1.16 5.67
N ARG B 139 -20.40 -2.19 6.24
CA ARG B 139 -21.43 -2.02 7.25
C ARG B 139 -20.78 -2.04 8.63
N HIS B 140 -21.13 -1.08 9.47
CA HIS B 140 -20.73 -1.12 10.86
C HIS B 140 -21.93 -1.52 11.71
N THR B 141 -21.73 -2.50 12.59
CA THR B 141 -22.75 -2.93 13.52
C THR B 141 -22.19 -2.79 14.93
N PRO B 142 -22.79 -1.99 15.82
CA PRO B 142 -22.20 -1.77 17.14
C PRO B 142 -22.34 -3.01 18.00
N GLY B 143 -21.65 -2.99 19.14
CA GLY B 143 -21.68 -4.13 20.04
C GLY B 143 -23.08 -4.36 20.59
N HIS B 144 -23.37 -5.63 20.91
CA HIS B 144 -24.70 -6.05 21.31
C HIS B 144 -24.61 -7.12 22.39
N PHE B 145 -25.55 -7.08 23.34
CA PHE B 145 -25.73 -8.15 24.32
C PHE B 145 -27.06 -8.85 24.07
N GLU B 146 -27.04 -10.18 24.10
CA GLU B 146 -28.23 -10.98 23.83
C GLU B 146 -28.29 -12.13 24.82
N LEU B 147 -29.40 -12.24 25.55
CA LEU B 147 -29.62 -13.42 26.39
C LEU B 147 -29.74 -14.66 25.51
N VAL B 148 -29.04 -15.72 25.92
CA VAL B 148 -29.02 -16.99 25.20
C VAL B 148 -29.22 -18.11 26.22
N ALA B 149 -29.26 -19.35 25.71
CA ALA B 149 -29.45 -20.50 26.58
C ALA B 149 -28.34 -20.60 27.62
N ASP B 150 -28.68 -21.15 28.79
CA ASP B 150 -27.70 -21.29 29.85
C ASP B 150 -26.42 -22.00 29.38
N ASN B 151 -26.55 -22.99 28.50
CA ASN B 151 -25.42 -23.82 28.09
C ASN B 151 -24.80 -23.38 26.76
N PHE B 152 -25.15 -22.18 26.29
CA PHE B 152 -24.65 -21.68 25.02
C PHE B 152 -23.13 -21.61 25.02
N SER B 153 -22.52 -22.16 23.97
CA SER B 153 -21.09 -21.96 23.76
C SER B 153 -20.85 -21.78 22.27
N LEU B 154 -19.90 -20.93 21.93
CA LEU B 154 -19.63 -20.61 20.54
C LEU B 154 -19.06 -21.83 19.81
#